data_2BAT
#
_entry.id   2BAT
#
_cell.length_a   139.600
_cell.length_b   139.600
_cell.length_c   191.000
_cell.angle_alpha   90.00
_cell.angle_beta   90.00
_cell.angle_gamma   90.00
#
_symmetry.space_group_name_H-M   'I 4 2 2'
#
loop_
_entity.id
_entity.type
_entity.pdbx_description
1 polymer 'NEURAMINIDASE N2'
2 branched 2-acetamido-2-deoxy-4-O-sulfo-alpha-D-galactopyranose-(1-4)-2-acetamido-2-deoxy-beta-D-glucopyranose-(1-4)-alpha-D-mannopyranose-(1-3)-beta-D-mannopyranose-(1-4)-2-acetamido-2-deoxy-beta-D-glucopyranose-(1-4)-[beta-L-fucopyranose-(1-6)]2-acetamido-2-deoxy-beta-D-glucopyranose
3 branched alpha-D-mannopyranose-(1-2)-alpha-D-mannopyranose-(1-3)-[alpha-D-mannopyranose-(1-6)]beta-D-mannopyranose-(1-4)-2-acetamido-2-deoxy-beta-D-glucopyranose-(1-4)-2-acetamido-2-deoxy-beta-D-glucopyranose
4 non-polymer 2-acetamido-2-deoxy-beta-D-glucopyranose
5 non-polymer 'N-acetyl-alpha-neuraminic acid'
6 non-polymer 'CALCIUM ION'
7 water water
#
_entity_poly.entity_id   1
_entity_poly.type   'polypeptide(L)'
_entity_poly.pdbx_seq_one_letter_code
;VEYRNWSKPQCQITGFAPFSKDNSIRLSAGGDIWVTREPYVSCDPVKCYQFALGQGTTLDNKHSNDTVHDRIPHRTLLMN
ELGVPFHLGTRQVCIAWSSSSCHDGKAWLHVCITGDDKNATASFIYDGRLVDSIGSWSQNILRTQESECVCINGTCTVVM
TDGSASGRADTRILFIEEGKIVHISPLAGSAQHVEECSCYPRYPGVRCICRDNWKGSNRPVVDINMEDYSIDSSYVCSGL
VGDTPRNDDRSSNSNCRNPNNERGTQGVKGWAFDNGNDLWMGRTISKDLRSGYETFKVIGGWSTPNSKSQINRQVIVDSD
NRSGYSGIFSVEGKSCINRCFYVELIRGRKQETRVWWTSNSIVVFCGTSGTYGTGSWPDGANINFMPI
;
_entity_poly.pdbx_strand_id   A
#
# COMPACT_ATOMS: atom_id res chain seq x y z
N VAL A 1 -27.57 9.75 1.98
CA VAL A 1 -26.25 9.18 1.90
C VAL A 1 -26.00 8.96 3.37
N GLU A 2 -25.29 7.89 3.69
CA GLU A 2 -25.03 7.46 5.05
C GLU A 2 -23.57 7.08 5.12
N TYR A 3 -23.07 6.96 6.34
CA TYR A 3 -21.69 6.61 6.53
C TYR A 3 -21.42 5.11 6.41
N ARG A 4 -20.27 4.78 5.85
CA ARG A 4 -19.91 3.38 5.70
C ARG A 4 -19.57 2.89 7.08
N ASN A 5 -20.15 1.77 7.52
CA ASN A 5 -19.80 1.23 8.83
C ASN A 5 -19.14 -0.14 8.69
N TRP A 6 -18.93 -0.64 7.47
CA TRP A 6 -18.32 -1.94 7.19
C TRP A 6 -18.71 -3.16 8.03
N SER A 7 -19.91 -3.26 8.60
CA SER A 7 -20.20 -4.42 9.38
C SER A 7 -20.82 -5.60 8.61
N LYS A 8 -19.98 -6.35 7.91
CA LYS A 8 -20.42 -7.52 7.14
C LYS A 8 -19.23 -8.48 7.22
N PRO A 9 -19.46 -9.80 7.24
CA PRO A 9 -18.41 -10.79 7.34
C PRO A 9 -17.38 -10.62 6.24
N GLN A 10 -16.15 -11.06 6.37
CA GLN A 10 -15.18 -10.94 5.28
C GLN A 10 -15.69 -12.04 4.34
N CYS A 11 -15.60 -11.91 3.04
CA CYS A 11 -16.07 -12.98 2.19
C CYS A 11 -15.06 -14.10 2.29
N GLN A 12 -15.55 -15.34 2.16
CA GLN A 12 -14.66 -16.51 2.19
C GLN A 12 -14.02 -16.50 0.83
N ILE A 13 -12.72 -16.69 0.73
CA ILE A 13 -12.16 -16.64 -0.59
C ILE A 13 -11.35 -17.90 -0.73
N THR A 14 -11.24 -18.24 -2.01
CA THR A 14 -10.56 -19.37 -2.59
C THR A 14 -9.23 -18.99 -3.16
N GLY A 15 -9.04 -17.69 -3.40
CA GLY A 15 -7.81 -17.17 -4.02
C GLY A 15 -8.23 -15.87 -4.71
N PHE A 16 -7.41 -15.39 -5.65
CA PHE A 16 -7.70 -14.15 -6.34
C PHE A 16 -7.92 -14.33 -7.83
N ALA A 17 -8.78 -13.49 -8.43
CA ALA A 17 -9.13 -13.49 -9.85
C ALA A 17 -8.65 -12.18 -10.49
N PRO A 18 -8.23 -12.05 -11.77
CA PRO A 18 -7.76 -10.80 -12.38
C PRO A 18 -8.80 -9.69 -12.32
N PHE A 19 -8.39 -8.45 -12.06
CA PHE A 19 -9.38 -7.41 -11.99
C PHE A 19 -9.04 -6.21 -12.86
N SER A 20 -7.82 -5.68 -12.93
CA SER A 20 -7.56 -4.54 -13.79
C SER A 20 -6.08 -4.43 -14.09
N LYS A 21 -5.67 -3.74 -15.11
CA LYS A 21 -4.28 -3.54 -15.47
C LYS A 21 -4.40 -2.24 -16.24
N ASP A 22 -3.54 -1.21 -16.07
CA ASP A 22 -3.76 0.00 -16.82
C ASP A 22 -2.77 0.19 -17.92
N ASN A 23 -1.72 -0.64 -17.94
CA ASN A 23 -0.70 -0.54 -18.98
C ASN A 23 -0.03 0.80 -19.23
N SER A 24 0.13 1.70 -18.22
CA SER A 24 0.77 2.98 -18.38
C SER A 24 2.15 2.99 -19.03
N ILE A 25 3.07 2.06 -18.85
CA ILE A 25 4.38 2.16 -19.51
C ILE A 25 4.38 1.80 -20.98
N ARG A 26 3.58 0.83 -21.48
CA ARG A 26 3.62 0.48 -22.89
C ARG A 26 3.07 1.67 -23.64
N LEU A 27 1.95 2.19 -23.08
CA LEU A 27 1.26 3.36 -23.64
C LEU A 27 2.16 4.59 -23.69
N SER A 28 3.03 4.84 -22.70
CA SER A 28 3.93 6.00 -22.66
C SER A 28 4.88 6.01 -23.82
N ALA A 29 5.03 4.95 -24.60
CA ALA A 29 5.96 5.04 -25.70
C ALA A 29 5.20 5.52 -26.94
N GLY A 30 3.95 5.91 -26.78
CA GLY A 30 3.15 6.41 -27.86
C GLY A 30 1.95 7.11 -27.30
N GLY A 31 2.14 8.07 -26.39
CA GLY A 31 1.05 8.84 -25.76
C GLY A 31 1.64 9.70 -24.65
N ASP A 32 0.97 10.69 -24.03
CA ASP A 32 1.56 11.51 -22.99
C ASP A 32 0.89 11.04 -21.71
N ILE A 33 1.74 10.28 -21.01
CA ILE A 33 1.38 9.61 -19.77
C ILE A 33 2.24 10.09 -18.63
N TRP A 34 1.61 10.44 -17.54
CA TRP A 34 2.23 10.90 -16.30
C TRP A 34 3.32 10.00 -15.76
N VAL A 35 4.41 10.45 -15.15
CA VAL A 35 5.45 9.56 -14.60
C VAL A 35 4.92 9.36 -13.19
N THR A 36 4.82 8.15 -12.59
CA THR A 36 4.30 8.05 -11.24
C THR A 36 4.96 6.98 -10.39
N ARG A 37 4.67 6.83 -9.12
CA ARG A 37 5.18 5.71 -8.34
C ARG A 37 4.25 5.68 -7.14
N GLU A 38 4.39 4.74 -6.22
CA GLU A 38 3.53 4.58 -5.06
C GLU A 38 2.07 4.63 -5.47
N PRO A 39 1.56 3.79 -6.39
CA PRO A 39 0.15 3.74 -6.75
C PRO A 39 -0.71 3.07 -5.72
N TYR A 40 -2.02 3.19 -5.82
CA TYR A 40 -2.89 2.47 -4.90
C TYR A 40 -4.28 2.58 -5.44
N VAL A 41 -5.24 1.80 -5.00
CA VAL A 41 -6.56 2.03 -5.57
C VAL A 41 -7.43 2.04 -4.33
N SER A 42 -8.46 2.86 -4.36
CA SER A 42 -9.38 3.01 -3.23
C SER A 42 -10.69 3.09 -3.99
N CYS A 43 -11.73 2.88 -3.19
CA CYS A 43 -13.01 2.70 -3.80
C CYS A 43 -14.19 3.33 -3.09
N ASP A 44 -14.97 4.19 -3.76
CA ASP A 44 -16.08 4.79 -3.05
C ASP A 44 -17.21 3.79 -3.08
N PRO A 45 -18.43 3.97 -2.60
CA PRO A 45 -19.43 2.93 -2.64
C PRO A 45 -20.01 2.50 -3.99
N VAL A 46 -19.85 3.21 -5.10
CA VAL A 46 -20.41 2.80 -6.38
C VAL A 46 -19.29 2.39 -7.30
N LYS A 47 -18.12 3.03 -7.25
CA LYS A 47 -17.04 2.67 -8.14
C LYS A 47 -15.66 2.88 -7.58
N CYS A 48 -14.70 2.25 -8.22
CA CYS A 48 -13.32 2.23 -7.86
C CYS A 48 -12.40 3.18 -8.61
N TYR A 49 -11.47 3.83 -7.89
CA TYR A 49 -10.54 4.76 -8.49
C TYR A 49 -9.12 4.34 -8.22
N GLN A 50 -8.22 4.57 -9.16
CA GLN A 50 -6.85 4.26 -8.95
C GLN A 50 -6.17 5.63 -8.66
N PHE A 51 -5.09 5.63 -7.81
CA PHE A 51 -4.34 6.82 -7.43
C PHE A 51 -2.85 6.56 -7.59
N ALA A 52 -2.08 7.62 -7.55
CA ALA A 52 -0.61 7.53 -7.62
C ALA A 52 0.01 8.90 -7.38
N LEU A 53 1.27 8.96 -6.99
CA LEU A 53 1.95 10.20 -6.74
C LEU A 53 2.63 10.49 -8.07
N GLY A 54 2.33 11.58 -8.80
CA GLY A 54 3.05 11.78 -10.06
C GLY A 54 4.36 12.50 -9.87
N GLN A 55 5.28 12.55 -10.82
CA GLN A 55 6.49 13.28 -10.62
C GLN A 55 6.40 14.61 -11.35
N GLY A 56 5.19 15.18 -11.50
CA GLY A 56 4.98 16.46 -12.19
C GLY A 56 5.50 16.54 -13.62
N THR A 57 5.45 15.43 -14.35
CA THR A 57 5.93 15.35 -15.72
C THR A 57 5.34 14.11 -16.39
N THR A 58 5.45 14.02 -17.70
CA THR A 58 4.96 12.87 -18.45
C THR A 58 6.25 12.14 -18.80
N LEU A 59 6.21 10.90 -19.31
CA LEU A 59 7.43 10.18 -19.58
C LEU A 59 8.20 10.67 -20.77
N ASP A 60 7.53 10.97 -21.90
CA ASP A 60 8.29 11.43 -23.05
C ASP A 60 8.25 12.93 -22.88
N ASN A 61 9.14 13.39 -22.00
CA ASN A 61 9.26 14.78 -21.63
C ASN A 61 10.65 14.91 -21.02
N LYS A 62 11.58 15.83 -21.34
CA LYS A 62 12.90 15.84 -20.69
C LYS A 62 12.93 15.96 -19.18
N HIS A 63 11.82 16.40 -18.57
CA HIS A 63 11.76 16.54 -17.13
C HIS A 63 11.61 15.19 -16.46
N SER A 64 11.53 14.06 -17.14
CA SER A 64 11.40 12.78 -16.46
C SER A 64 12.76 12.27 -16.03
N ASN A 65 13.87 12.86 -16.48
CA ASN A 65 15.24 12.47 -16.14
C ASN A 65 15.40 12.57 -14.65
N ASP A 66 15.91 11.51 -14.04
CA ASP A 66 16.14 11.43 -12.62
C ASP A 66 14.93 11.49 -11.72
N THR A 67 13.87 10.81 -12.11
CA THR A 67 12.65 10.76 -11.30
C THR A 67 12.68 9.67 -10.22
N VAL A 68 13.87 9.08 -10.01
CA VAL A 68 14.14 8.05 -9.01
C VAL A 68 13.84 8.64 -7.64
N HIS A 69 14.04 9.94 -7.44
CA HIS A 69 13.85 10.58 -6.15
C HIS A 69 12.42 10.58 -5.69
N ASP A 70 12.30 10.24 -4.44
CA ASP A 70 10.98 10.15 -3.88
C ASP A 70 10.32 11.44 -3.52
N ARG A 71 11.04 12.51 -3.27
CA ARG A 71 10.37 13.71 -2.85
C ARG A 71 10.81 14.96 -3.57
N ILE A 72 9.96 15.66 -4.30
CA ILE A 72 10.31 16.89 -4.96
C ILE A 72 9.07 17.77 -4.77
N PRO A 73 8.99 19.11 -4.85
CA PRO A 73 7.73 19.87 -4.62
C PRO A 73 6.63 19.67 -5.67
N HIS A 74 7.00 19.08 -6.79
CA HIS A 74 6.13 18.89 -7.91
C HIS A 74 5.30 17.64 -7.94
N ARG A 75 5.42 16.77 -6.92
CA ARG A 75 4.68 15.56 -6.89
C ARG A 75 3.29 15.91 -6.44
N THR A 76 2.28 15.37 -7.10
CA THR A 76 0.91 15.61 -6.72
C THR A 76 0.17 14.28 -6.74
N LEU A 77 -0.96 14.15 -6.06
CA LEU A 77 -1.69 12.92 -6.05
C LEU A 77 -2.62 12.94 -7.25
N LEU A 78 -2.53 11.93 -8.11
CA LEU A 78 -3.33 11.83 -9.31
C LEU A 78 -4.52 10.97 -9.02
N MET A 79 -5.72 11.15 -9.55
CA MET A 79 -6.83 10.26 -9.23
C MET A 79 -7.71 10.00 -10.47
N ASN A 80 -8.04 8.77 -10.83
CA ASN A 80 -8.84 8.44 -12.00
C ASN A 80 -9.70 7.23 -11.75
N GLU A 81 -10.71 6.96 -12.58
CA GLU A 81 -11.50 5.74 -12.41
C GLU A 81 -10.48 4.65 -12.71
N LEU A 82 -10.66 3.54 -11.98
CA LEU A 82 -9.78 2.38 -12.15
C LEU A 82 -9.84 1.92 -13.60
N GLY A 83 -8.67 1.90 -14.22
CA GLY A 83 -8.61 1.46 -15.57
C GLY A 83 -8.31 2.62 -16.47
N VAL A 84 -8.69 3.88 -16.20
CA VAL A 84 -8.29 4.86 -17.22
C VAL A 84 -6.90 5.31 -16.81
N PRO A 85 -5.88 5.22 -17.67
CA PRO A 85 -4.51 5.57 -17.30
C PRO A 85 -4.31 7.08 -17.08
N PHE A 86 -3.16 7.49 -16.51
CA PHE A 86 -2.90 8.89 -16.23
C PHE A 86 -2.37 9.68 -17.38
N HIS A 87 -3.37 10.04 -18.14
CA HIS A 87 -3.22 10.85 -19.34
C HIS A 87 -3.29 12.31 -18.85
N LEU A 88 -2.99 13.29 -19.73
CA LEU A 88 -2.97 14.72 -19.37
C LEU A 88 -4.22 15.38 -18.89
N GLY A 89 -5.32 14.64 -18.90
CA GLY A 89 -6.55 15.23 -18.45
C GLY A 89 -6.92 14.78 -17.06
N THR A 90 -6.00 14.09 -16.35
CA THR A 90 -6.15 13.57 -15.01
C THR A 90 -6.06 14.72 -14.03
N ARG A 91 -6.75 14.56 -12.92
CA ARG A 91 -6.79 15.55 -11.89
C ARG A 91 -5.74 15.41 -10.81
N GLN A 92 -5.01 16.47 -10.48
CA GLN A 92 -4.00 16.44 -9.40
C GLN A 92 -4.82 16.82 -8.18
N VAL A 93 -5.25 15.89 -7.36
CA VAL A 93 -6.09 16.16 -6.20
C VAL A 93 -5.50 17.05 -5.11
N CYS A 94 -4.16 17.05 -4.95
CA CYS A 94 -3.48 17.81 -3.91
C CYS A 94 -1.93 17.76 -4.11
N ILE A 95 -1.11 18.52 -3.34
CA ILE A 95 0.39 18.46 -3.45
C ILE A 95 0.83 17.33 -2.48
N ALA A 96 1.66 16.36 -2.87
CA ALA A 96 2.02 15.27 -2.01
C ALA A 96 3.11 14.36 -2.50
N TRP A 97 4.03 14.00 -1.61
CA TRP A 97 5.03 13.05 -1.99
C TRP A 97 4.73 11.88 -1.07
N SER A 98 3.59 11.84 -0.34
CA SER A 98 3.21 10.72 0.48
C SER A 98 1.69 10.95 0.68
N SER A 99 0.81 9.94 0.52
CA SER A 99 -0.63 10.14 0.65
C SER A 99 -1.43 8.98 1.19
N SER A 100 -2.74 9.18 1.31
CA SER A 100 -3.64 8.15 1.79
C SER A 100 -5.00 8.77 1.54
N SER A 101 -5.88 8.08 0.80
CA SER A 101 -7.21 8.61 0.55
C SER A 101 -8.22 7.57 0.97
N CYS A 102 -9.44 7.88 1.35
CA CYS A 102 -10.41 6.86 1.70
C CYS A 102 -11.77 7.52 1.54
N HIS A 103 -12.90 6.81 1.43
CA HIS A 103 -14.16 7.47 1.26
C HIS A 103 -14.99 7.02 2.43
N ASP A 104 -15.59 7.89 3.17
CA ASP A 104 -16.34 7.51 4.34
C ASP A 104 -17.82 7.24 4.16
N GLY A 105 -18.24 7.04 2.93
CA GLY A 105 -19.66 6.87 2.67
C GLY A 105 -20.20 8.14 2.06
N LYS A 106 -19.97 9.30 2.69
CA LYS A 106 -20.40 10.58 2.17
C LYS A 106 -19.36 11.38 1.39
N ALA A 107 -18.01 11.29 1.46
CA ALA A 107 -17.10 12.13 0.65
C ALA A 107 -15.72 11.58 0.75
N TRP A 108 -14.82 12.01 -0.11
CA TRP A 108 -13.47 11.51 -0.06
C TRP A 108 -12.64 12.29 0.96
N LEU A 109 -11.62 11.64 1.57
CA LEU A 109 -10.66 12.19 2.54
C LEU A 109 -9.30 12.01 1.87
N HIS A 110 -8.45 12.99 1.76
CA HIS A 110 -7.15 12.76 1.15
C HIS A 110 -6.17 13.33 2.16
N VAL A 111 -5.10 12.64 2.60
CA VAL A 111 -4.18 13.27 3.50
C VAL A 111 -3.02 13.35 2.53
N CYS A 112 -2.44 14.53 2.39
CA CYS A 112 -1.37 14.72 1.42
C CYS A 112 -0.20 15.29 2.15
N ILE A 113 1.02 14.84 1.91
CA ILE A 113 2.14 15.37 2.63
C ILE A 113 3.19 15.99 1.70
N THR A 114 3.53 17.26 1.86
CA THR A 114 4.58 17.86 1.03
C THR A 114 5.36 18.71 2.02
N GLY A 115 6.49 19.21 1.52
CA GLY A 115 7.27 20.06 2.36
C GLY A 115 8.65 19.51 2.49
N ASP A 116 9.33 20.30 3.31
CA ASP A 116 10.70 20.00 3.60
C ASP A 116 10.72 18.73 4.44
N ASP A 117 11.75 17.94 4.14
CA ASP A 117 11.93 16.67 4.84
C ASP A 117 11.97 16.90 6.31
N LYS A 118 12.68 17.95 6.74
CA LYS A 118 12.79 18.24 8.16
C LYS A 118 11.60 18.97 8.68
N ASN A 119 10.68 19.48 7.84
CA ASN A 119 9.55 20.23 8.38
C ASN A 119 8.30 20.15 7.50
N ALA A 120 7.91 18.92 7.15
CA ALA A 120 6.75 18.68 6.30
C ALA A 120 5.40 19.01 6.91
N THR A 121 4.38 19.28 6.08
CA THR A 121 3.02 19.56 6.53
C THR A 121 2.13 18.62 5.74
N ALA A 122 1.22 18.06 6.52
CA ALA A 122 0.24 17.13 6.03
C ALA A 122 -1.08 17.87 5.89
N SER A 123 -1.77 17.93 4.73
CA SER A 123 -3.06 18.64 4.63
C SER A 123 -4.22 17.65 4.66
N PHE A 124 -5.34 17.92 5.31
CA PHE A 124 -6.45 16.99 5.35
C PHE A 124 -7.51 17.64 4.50
N ILE A 125 -7.71 17.12 3.28
CA ILE A 125 -8.68 17.68 2.38
C ILE A 125 -9.86 16.77 2.45
N TYR A 126 -11.03 17.28 2.74
CA TYR A 126 -12.22 16.50 2.85
C TYR A 126 -13.30 17.15 2.00
N ASP A 127 -13.91 16.39 1.10
CA ASP A 127 -14.98 16.88 0.28
C ASP A 127 -14.62 18.16 -0.43
N GLY A 128 -13.41 18.16 -0.97
CA GLY A 128 -12.98 19.31 -1.73
C GLY A 128 -12.39 20.44 -0.95
N ARG A 129 -12.68 20.65 0.33
CA ARG A 129 -12.12 21.73 1.14
C ARG A 129 -10.90 21.37 1.98
N LEU A 130 -9.94 22.28 2.30
CA LEU A 130 -8.83 21.95 3.20
C LEU A 130 -9.56 22.01 4.53
N VAL A 131 -9.51 21.07 5.47
CA VAL A 131 -10.25 21.17 6.74
C VAL A 131 -9.26 21.15 7.93
N ASP A 132 -7.98 20.75 7.78
CA ASP A 132 -7.03 20.69 8.87
C ASP A 132 -5.62 20.46 8.39
N SER A 133 -4.59 20.59 9.20
CA SER A 133 -3.22 20.31 8.78
C SER A 133 -2.43 20.02 10.06
N ILE A 134 -1.27 19.37 9.93
CA ILE A 134 -0.42 19.04 11.06
C ILE A 134 1.01 19.18 10.58
N GLY A 135 1.97 19.56 11.41
CA GLY A 135 3.35 19.69 10.96
C GLY A 135 4.09 18.50 11.52
N SER A 136 5.28 18.31 11.03
CA SER A 136 6.14 17.23 11.43
C SER A 136 6.51 17.22 12.91
N TRP A 137 6.20 16.14 13.64
CA TRP A 137 6.51 16.01 15.04
C TRP A 137 7.93 15.59 15.27
N SER A 138 8.58 14.72 14.53
CA SER A 138 9.96 14.42 14.81
C SER A 138 10.88 15.04 13.80
N GLN A 139 10.49 16.02 12.99
CA GLN A 139 11.42 16.66 12.06
C GLN A 139 12.27 15.80 11.14
N ASN A 140 11.71 14.64 10.80
CA ASN A 140 12.39 13.73 9.91
C ASN A 140 11.41 12.89 9.10
N ILE A 141 11.06 13.48 7.93
CA ILE A 141 10.15 12.99 6.91
C ILE A 141 8.83 12.43 7.39
N LEU A 142 7.84 13.27 7.62
CA LEU A 142 6.51 12.80 8.07
C LEU A 142 6.02 11.94 6.89
N ARG A 143 5.60 10.67 7.04
CA ARG A 143 5.21 9.83 5.94
C ARG A 143 3.92 9.16 6.33
N THR A 144 3.24 8.43 5.42
CA THR A 144 1.99 7.71 5.72
C THR A 144 1.80 6.49 4.81
N GLN A 145 0.64 5.86 4.96
CA GLN A 145 0.24 4.69 4.23
C GLN A 145 0.72 4.35 2.82
N GLU A 146 0.34 5.21 1.85
CA GLU A 146 0.58 5.10 0.42
C GLU A 146 -0.42 4.07 -0.09
N SER A 147 -1.59 3.97 0.57
CA SER A 147 -2.64 3.10 0.15
C SER A 147 -3.82 3.61 0.96
N GLU A 148 -4.94 2.98 0.91
CA GLU A 148 -6.13 3.46 1.58
C GLU A 148 -6.29 3.59 3.09
N CYS A 149 -6.86 4.71 3.56
CA CYS A 149 -7.14 4.82 4.99
C CYS A 149 -8.50 4.13 5.18
N VAL A 150 -9.18 3.95 6.34
CA VAL A 150 -10.46 3.28 6.27
C VAL A 150 -11.30 4.03 7.32
N CYS A 151 -12.57 4.27 7.03
CA CYS A 151 -13.47 5.01 7.88
C CYS A 151 -14.59 4.09 8.33
N ILE A 152 -15.04 4.15 9.59
CA ILE A 152 -16.14 3.35 10.10
C ILE A 152 -17.03 4.36 10.82
N ASN A 153 -18.31 4.43 10.49
CA ASN A 153 -19.25 5.33 11.15
C ASN A 153 -18.92 6.81 11.11
N GLY A 154 -18.08 7.32 10.23
CA GLY A 154 -17.80 8.74 10.22
C GLY A 154 -16.38 9.04 10.61
N THR A 155 -15.65 8.16 11.32
CA THR A 155 -14.27 8.43 11.72
C THR A 155 -13.31 7.71 10.80
N CYS A 156 -12.32 8.36 10.20
CA CYS A 156 -11.40 7.69 9.29
C CYS A 156 -10.08 7.56 10.04
N THR A 157 -9.30 6.50 9.98
CA THR A 157 -8.08 6.55 10.76
C THR A 157 -6.92 6.43 9.81
N VAL A 158 -5.77 7.08 10.03
CA VAL A 158 -4.66 6.91 9.10
C VAL A 158 -3.46 6.69 10.01
N VAL A 159 -2.36 6.06 9.62
CA VAL A 159 -1.30 5.89 10.56
C VAL A 159 -0.16 6.62 9.89
N MET A 160 0.60 7.48 10.60
CA MET A 160 1.71 8.21 10.01
C MET A 160 2.97 8.04 10.83
N THR A 161 4.18 8.20 10.31
CA THR A 161 5.29 8.06 11.19
C THR A 161 6.28 9.13 10.78
N ASP A 162 7.13 9.54 11.71
CA ASP A 162 8.12 10.59 11.52
C ASP A 162 9.31 10.10 12.31
N GLY A 163 10.53 10.09 11.85
CA GLY A 163 11.60 9.59 12.67
C GLY A 163 12.63 8.97 11.79
N SER A 164 13.40 8.03 12.29
CA SER A 164 14.42 7.41 11.47
C SER A 164 13.81 6.36 10.56
N ALA A 165 14.49 6.12 9.44
CA ALA A 165 14.05 5.13 8.45
C ALA A 165 14.45 3.78 8.97
N SER A 166 15.68 3.71 9.44
CA SER A 166 16.23 2.49 9.99
C SER A 166 16.85 2.97 11.28
N GLY A 167 15.95 2.96 12.25
CA GLY A 167 16.21 3.36 13.59
C GLY A 167 14.88 3.47 14.29
N ARG A 168 14.84 3.88 15.54
CA ARG A 168 13.60 4.03 16.28
C ARG A 168 12.86 5.20 15.63
N ALA A 169 11.53 5.22 15.49
CA ALA A 169 10.83 6.33 14.87
C ALA A 169 9.55 6.60 15.62
N ASP A 170 8.86 7.69 15.37
CA ASP A 170 7.64 7.99 16.09
C ASP A 170 6.46 7.81 15.17
N THR A 171 5.52 6.95 15.61
CA THR A 171 4.33 6.57 14.90
C THR A 171 3.08 6.98 15.63
N ARG A 172 2.10 7.63 15.00
CA ARG A 172 0.87 8.04 15.65
C ARG A 172 -0.18 7.62 14.64
N ILE A 173 -1.35 7.24 15.16
CA ILE A 173 -2.49 6.80 14.42
C ILE A 173 -3.44 7.98 14.62
N LEU A 174 -3.99 8.62 13.58
CA LEU A 174 -4.87 9.76 13.74
C LEU A 174 -6.27 9.37 13.44
N PHE A 175 -7.23 9.88 14.17
CA PHE A 175 -8.65 9.59 13.96
C PHE A 175 -9.22 10.91 13.44
N ILE A 176 -9.90 10.93 12.30
CA ILE A 176 -10.39 12.20 11.81
C ILE A 176 -11.83 12.16 11.34
N GLU A 177 -12.60 13.11 11.79
CA GLU A 177 -13.99 13.19 11.43
C GLU A 177 -14.16 14.36 10.50
N GLU A 178 -14.75 14.15 9.32
CA GLU A 178 -14.96 15.15 8.31
C GLU A 178 -13.71 15.99 8.00
N GLY A 179 -12.51 15.42 7.87
CA GLY A 179 -11.32 16.20 7.58
C GLY A 179 -10.61 16.79 8.83
N LYS A 180 -11.28 16.88 9.98
CA LYS A 180 -10.75 17.44 11.21
C LYS A 180 -10.17 16.36 12.11
N ILE A 181 -8.90 16.49 12.49
CA ILE A 181 -8.30 15.53 13.37
C ILE A 181 -9.02 15.53 14.72
N VAL A 182 -9.65 14.42 15.11
CA VAL A 182 -10.32 14.42 16.38
C VAL A 182 -9.56 13.70 17.49
N HIS A 183 -8.43 13.03 17.28
CA HIS A 183 -7.70 12.37 18.36
C HIS A 183 -6.43 11.88 17.74
N ILE A 184 -5.34 11.68 18.48
CA ILE A 184 -4.10 11.15 17.91
C ILE A 184 -3.69 10.14 18.95
N SER A 185 -3.31 8.91 18.59
CA SER A 185 -2.89 7.91 19.55
C SER A 185 -1.51 7.48 19.15
N PRO A 186 -0.56 7.43 20.06
CA PRO A 186 0.74 6.86 19.77
C PRO A 186 0.65 5.36 19.70
N LEU A 187 1.60 4.83 18.93
CA LEU A 187 1.71 3.41 18.76
C LEU A 187 1.99 2.75 20.12
N ALA A 188 1.45 1.56 20.27
CA ALA A 188 1.60 0.81 21.49
C ALA A 188 1.84 -0.65 21.08
N GLY A 189 2.12 -1.55 22.04
CA GLY A 189 2.34 -2.97 21.76
C GLY A 189 3.77 -3.27 21.34
N SER A 190 4.03 -4.37 20.63
CA SER A 190 5.38 -4.71 20.27
C SER A 190 6.04 -4.38 18.96
N ALA A 191 5.41 -3.67 17.99
CA ALA A 191 6.08 -3.39 16.72
C ALA A 191 7.25 -2.45 16.94
N GLN A 192 8.35 -2.62 16.25
CA GLN A 192 9.52 -1.77 16.49
C GLN A 192 9.70 -0.66 15.53
N HIS A 193 9.14 -0.83 14.34
CA HIS A 193 9.24 0.17 13.29
C HIS A 193 7.99 -0.05 12.47
N VAL A 194 7.28 0.98 12.05
CA VAL A 194 6.08 0.86 11.27
C VAL A 194 6.12 1.88 10.14
N GLU A 195 6.11 1.47 8.90
CA GLU A 195 6.08 2.40 7.78
C GLU A 195 4.98 1.82 6.88
N GLU A 196 4.52 2.58 5.89
CA GLU A 196 3.54 2.15 4.91
C GLU A 196 2.41 1.19 5.26
N CYS A 197 1.61 1.43 6.29
CA CYS A 197 0.57 0.46 6.55
C CYS A 197 -0.46 0.20 5.46
N SER A 198 -0.85 -1.08 5.25
CA SER A 198 -1.86 -1.55 4.31
C SER A 198 -2.94 -1.89 5.32
N CYS A 199 -3.95 -1.08 5.48
CA CYS A 199 -5.00 -1.28 6.46
C CYS A 199 -6.33 -1.72 5.92
N TYR A 200 -7.19 -2.38 6.71
CA TYR A 200 -8.44 -2.82 6.14
C TYR A 200 -9.52 -2.88 7.20
N PRO A 201 -10.81 -2.65 6.94
CA PRO A 201 -11.88 -2.75 7.91
C PRO A 201 -12.06 -4.15 8.44
N ARG A 202 -12.06 -4.28 9.75
CA ARG A 202 -12.25 -5.57 10.36
C ARG A 202 -13.16 -5.26 11.51
N TYR A 203 -14.37 -4.83 11.24
CA TYR A 203 -15.37 -4.44 12.23
C TYR A 203 -15.34 -5.09 13.60
N PRO A 204 -15.27 -4.36 14.72
CA PRO A 204 -15.34 -2.91 14.78
C PRO A 204 -13.98 -2.28 14.74
N GLY A 205 -12.96 -2.96 14.26
CA GLY A 205 -11.65 -2.35 14.24
C GLY A 205 -11.20 -2.18 12.82
N VAL A 206 -9.91 -1.92 12.73
CA VAL A 206 -9.23 -1.70 11.47
C VAL A 206 -7.95 -2.49 11.73
N ARG A 207 -7.34 -3.23 10.79
CA ARG A 207 -6.13 -3.91 11.11
C ARG A 207 -5.16 -3.49 10.01
N CYS A 208 -3.86 -3.32 10.30
CA CYS A 208 -2.91 -2.90 9.31
C CYS A 208 -1.69 -3.79 9.27
N ILE A 209 -1.11 -4.14 8.11
CA ILE A 209 0.07 -4.99 8.05
C ILE A 209 0.99 -3.94 7.44
N CYS A 210 2.13 -3.66 8.07
CA CYS A 210 2.97 -2.57 7.60
C CYS A 210 4.35 -2.97 7.18
N ARG A 211 5.30 -2.05 7.08
CA ARG A 211 6.64 -2.36 6.68
C ARG A 211 7.56 -2.08 7.86
N ASP A 212 8.44 -3.00 8.27
CA ASP A 212 9.40 -2.76 9.34
C ASP A 212 10.67 -2.68 8.50
N ASN A 213 11.10 -1.42 8.56
CA ASN A 213 12.29 -0.96 7.85
C ASN A 213 13.64 -0.98 8.56
N TRP A 214 13.57 -1.37 9.83
CA TRP A 214 14.75 -1.41 10.68
C TRP A 214 15.26 -2.83 10.94
N LYS A 215 14.52 -3.58 11.76
CA LYS A 215 14.89 -4.92 12.18
C LYS A 215 14.07 -6.11 11.69
N GLY A 216 13.17 -6.00 10.74
CA GLY A 216 12.39 -7.16 10.38
C GLY A 216 12.08 -7.30 8.89
N SER A 217 12.04 -8.61 8.70
CA SER A 217 11.74 -9.32 7.49
C SER A 217 10.30 -9.70 7.77
N ASN A 218 9.82 -9.95 8.99
CA ASN A 218 8.42 -10.25 9.17
C ASN A 218 7.77 -8.87 9.22
N ARG A 219 6.49 -8.75 8.92
CA ARG A 219 5.79 -7.49 8.87
C ARG A 219 5.02 -7.22 10.15
N PRO A 220 4.99 -5.98 10.67
CA PRO A 220 4.22 -5.54 11.82
C PRO A 220 2.76 -5.62 11.64
N VAL A 221 1.97 -5.69 12.68
CA VAL A 221 0.53 -5.76 12.59
C VAL A 221 0.15 -4.58 13.49
N VAL A 222 -0.72 -3.65 13.13
CA VAL A 222 -1.10 -2.58 14.02
C VAL A 222 -2.61 -2.79 14.18
N ASP A 223 -3.20 -2.77 15.38
CA ASP A 223 -4.63 -2.97 15.60
C ASP A 223 -5.12 -1.73 16.26
N ILE A 224 -6.14 -1.10 15.64
CA ILE A 224 -6.73 0.16 16.07
C ILE A 224 -8.12 -0.06 16.65
N ASN A 225 -8.46 0.33 17.87
CA ASN A 225 -9.79 0.11 18.43
C ASN A 225 -10.49 1.40 18.10
N MET A 226 -11.47 1.36 17.21
CA MET A 226 -12.15 2.57 16.85
C MET A 226 -12.94 3.17 17.96
N GLU A 227 -13.32 2.41 18.99
CA GLU A 227 -14.10 2.94 20.12
C GLU A 227 -13.27 3.55 21.26
N ASP A 228 -12.08 3.07 21.62
CA ASP A 228 -11.29 3.64 22.69
C ASP A 228 -10.08 4.35 22.08
N TYR A 229 -9.77 4.22 20.81
CA TYR A 229 -8.62 4.82 20.17
C TYR A 229 -7.33 4.14 20.61
N SER A 230 -7.46 2.96 21.23
CA SER A 230 -6.35 2.12 21.71
C SER A 230 -5.64 1.52 20.52
N ILE A 231 -4.35 1.40 20.63
CA ILE A 231 -3.56 0.85 19.56
C ILE A 231 -2.91 -0.37 20.17
N ASP A 232 -2.69 -1.44 19.40
CA ASP A 232 -2.03 -2.64 19.84
C ASP A 232 -1.16 -3.02 18.67
N SER A 233 -0.08 -3.74 18.77
CA SER A 233 0.70 -4.07 17.56
C SER A 233 1.53 -5.31 17.85
N SER A 234 1.82 -6.11 16.83
CA SER A 234 2.57 -7.35 16.96
C SER A 234 3.19 -7.60 15.63
N TYR A 235 3.60 -8.83 15.30
CA TYR A 235 4.14 -9.15 13.99
C TYR A 235 3.31 -10.31 13.45
N VAL A 236 3.34 -10.54 12.13
CA VAL A 236 2.54 -11.65 11.62
C VAL A 236 3.24 -12.95 11.96
N CYS A 237 2.51 -13.89 12.57
CA CYS A 237 3.03 -15.19 12.96
C CYS A 237 3.67 -15.99 11.89
N SER A 238 3.10 -16.09 10.68
CA SER A 238 3.66 -16.84 9.56
C SER A 238 5.16 -16.85 9.55
N GLY A 239 5.68 -18.06 9.49
CA GLY A 239 7.11 -18.23 9.40
C GLY A 239 7.50 -17.98 7.99
N LEU A 240 6.53 -17.95 7.05
CA LEU A 240 6.83 -17.66 5.65
C LEU A 240 7.19 -16.19 5.53
N VAL A 241 6.67 -15.12 6.16
CA VAL A 241 7.34 -13.81 6.03
C VAL A 241 7.36 -13.11 4.66
N GLY A 242 6.64 -11.98 4.68
CA GLY A 242 6.50 -11.24 3.45
C GLY A 242 7.33 -10.00 3.18
N ASP A 243 8.41 -9.59 3.83
CA ASP A 243 9.04 -8.37 3.40
C ASP A 243 10.15 -8.73 2.44
N THR A 244 10.81 -7.76 1.80
CA THR A 244 11.93 -8.05 0.89
C THR A 244 12.98 -7.02 1.33
N PRO A 245 14.27 -7.22 1.71
CA PRO A 245 14.94 -8.51 1.88
C PRO A 245 14.26 -9.29 2.96
N ARG A 246 14.44 -10.60 2.77
CA ARG A 246 13.89 -11.67 3.57
C ARG A 246 14.98 -12.74 3.47
N ASN A 247 14.92 -13.79 4.31
CA ASN A 247 15.96 -14.80 4.29
C ASN A 247 15.89 -15.92 3.29
N ASP A 248 14.74 -16.56 3.21
CA ASP A 248 14.34 -17.66 2.32
C ASP A 248 13.62 -18.53 3.32
N ASP A 249 12.60 -19.21 2.81
CA ASP A 249 11.72 -19.98 3.67
C ASP A 249 12.32 -21.07 4.51
N ARG A 250 13.50 -21.52 4.16
CA ARG A 250 14.10 -22.58 4.93
C ARG A 250 14.55 -21.97 6.26
N SER A 251 15.25 -20.85 6.14
CA SER A 251 15.78 -20.15 7.28
C SER A 251 15.02 -18.91 7.68
N SER A 252 13.68 -18.83 7.68
CA SER A 252 13.07 -17.58 8.06
C SER A 252 12.22 -17.86 9.27
N ASN A 253 11.97 -16.86 10.13
CA ASN A 253 11.22 -17.11 11.35
C ASN A 253 10.44 -15.91 11.77
N SER A 254 9.42 -16.15 12.57
CA SER A 254 8.63 -15.10 13.12
C SER A 254 8.01 -15.75 14.35
N ASN A 255 7.96 -15.00 15.45
CA ASN A 255 7.39 -15.49 16.68
C ASN A 255 6.15 -14.71 17.11
N CYS A 256 5.53 -13.98 16.18
CA CYS A 256 4.35 -13.14 16.40
C CYS A 256 4.59 -11.91 17.29
N ARG A 257 5.69 -11.79 18.00
CA ARG A 257 5.89 -10.68 18.89
C ARG A 257 7.00 -9.69 18.61
N ASN A 258 8.19 -10.09 18.14
CA ASN A 258 9.30 -9.17 17.91
C ASN A 258 9.76 -9.19 16.49
N PRO A 259 10.56 -8.25 15.97
CA PRO A 259 11.19 -8.35 14.67
C PRO A 259 12.03 -9.59 14.62
N ASN A 260 12.05 -10.33 13.56
CA ASN A 260 12.85 -11.52 13.51
C ASN A 260 14.33 -11.25 13.39
N ASN A 261 14.72 -10.02 13.07
CA ASN A 261 16.11 -9.67 12.90
C ASN A 261 16.79 -10.42 11.77
N GLU A 262 16.03 -10.97 10.81
CA GLU A 262 16.62 -11.66 9.66
C GLU A 262 16.55 -10.62 8.57
N ARG A 263 17.64 -10.11 7.99
CA ARG A 263 17.64 -9.09 6.93
C ARG A 263 16.58 -8.02 7.15
N GLY A 264 16.65 -7.47 8.36
CA GLY A 264 15.73 -6.47 8.84
C GLY A 264 15.60 -5.14 8.10
N THR A 265 16.75 -4.50 7.90
CA THR A 265 16.87 -3.24 7.24
C THR A 265 16.27 -3.26 5.85
N GLN A 266 15.66 -2.14 5.49
CA GLN A 266 14.98 -1.89 4.22
C GLN A 266 13.66 -2.63 4.17
N GLY A 267 12.93 -2.56 3.05
CA GLY A 267 11.65 -3.22 2.98
C GLY A 267 10.93 -2.82 1.72
N VAL A 268 9.63 -3.05 1.73
CA VAL A 268 8.81 -2.70 0.58
C VAL A 268 7.40 -2.72 1.13
N LYS A 269 6.51 -1.83 0.70
CA LYS A 269 5.14 -1.85 1.19
C LYS A 269 4.50 -3.19 0.79
N GLY A 270 3.70 -3.80 1.66
CA GLY A 270 3.06 -5.06 1.37
C GLY A 270 1.77 -5.16 2.12
N TRP A 271 1.07 -6.27 1.99
CA TRP A 271 -0.22 -6.48 2.67
C TRP A 271 -0.26 -7.95 3.10
N ALA A 272 -1.32 -8.33 3.83
CA ALA A 272 -1.59 -9.67 4.25
C ALA A 272 -2.92 -9.59 4.97
N PHE A 273 -3.76 -10.58 5.15
CA PHE A 273 -4.97 -10.38 5.92
C PHE A 273 -5.29 -11.76 6.44
N ASP A 274 -6.05 -11.74 7.53
CA ASP A 274 -6.38 -12.94 8.23
C ASP A 274 -7.68 -13.57 7.83
N ASN A 275 -7.77 -14.86 8.06
CA ASN A 275 -8.97 -15.63 7.76
C ASN A 275 -8.84 -16.73 8.80
N GLY A 276 -9.58 -16.54 9.90
CA GLY A 276 -9.56 -17.48 11.02
C GLY A 276 -8.13 -17.50 11.59
N ASN A 277 -7.48 -18.65 11.46
CA ASN A 277 -6.13 -18.78 11.97
C ASN A 277 -5.16 -18.75 10.81
N ASP A 278 -5.73 -18.64 9.63
CA ASP A 278 -4.98 -18.61 8.39
C ASP A 278 -4.68 -17.19 7.96
N LEU A 279 -3.74 -17.13 7.04
CA LEU A 279 -3.30 -15.87 6.52
C LEU A 279 -3.22 -15.89 5.00
N TRP A 280 -3.75 -14.88 4.34
CA TRP A 280 -3.66 -14.76 2.90
C TRP A 280 -2.57 -13.72 2.72
N MET A 281 -1.65 -13.81 1.77
CA MET A 281 -0.62 -12.79 1.69
C MET A 281 0.04 -12.82 0.36
N GLY A 282 0.87 -11.83 0.09
CA GLY A 282 1.59 -11.72 -1.15
C GLY A 282 2.95 -11.18 -0.76
N ARG A 283 3.93 -11.41 -1.58
CA ARG A 283 5.26 -10.91 -1.31
C ARG A 283 5.91 -10.95 -2.67
N THR A 284 7.12 -10.44 -2.83
CA THR A 284 7.77 -10.52 -4.14
C THR A 284 8.24 -11.99 -4.30
N ILE A 285 8.56 -12.51 -5.48
CA ILE A 285 9.04 -13.89 -5.52
C ILE A 285 10.50 -13.85 -5.13
N SER A 286 11.25 -12.81 -5.45
CA SER A 286 12.65 -12.76 -5.06
C SER A 286 12.69 -12.42 -3.58
N LYS A 287 13.73 -12.85 -2.89
CA LYS A 287 13.86 -12.53 -1.46
C LYS A 287 14.84 -11.35 -1.32
N ASP A 288 15.44 -10.94 -2.43
CA ASP A 288 16.40 -9.85 -2.44
C ASP A 288 15.99 -8.65 -3.25
N LEU A 289 15.39 -8.86 -4.42
CA LEU A 289 15.01 -7.79 -5.31
C LEU A 289 13.53 -7.66 -5.39
N ARG A 290 12.99 -6.57 -5.91
CA ARG A 290 11.52 -6.44 -6.02
C ARG A 290 11.17 -7.02 -7.39
N SER A 291 11.14 -8.36 -7.53
CA SER A 291 10.82 -9.04 -8.78
C SER A 291 9.80 -10.15 -8.54
N GLY A 292 8.83 -10.30 -9.44
CA GLY A 292 7.81 -11.31 -9.34
C GLY A 292 6.88 -11.05 -8.20
N TYR A 293 5.70 -11.67 -8.15
CA TYR A 293 4.85 -11.42 -7.05
C TYR A 293 4.03 -12.70 -6.92
N GLU A 294 3.74 -13.24 -5.75
CA GLU A 294 3.00 -14.48 -5.64
C GLU A 294 2.04 -14.34 -4.47
N THR A 295 0.88 -14.98 -4.41
CA THR A 295 0.05 -14.86 -3.25
C THR A 295 -0.24 -16.26 -2.70
N PHE A 296 -0.56 -16.52 -1.42
CA PHE A 296 -0.87 -17.86 -0.95
C PHE A 296 -1.55 -17.81 0.37
N LYS A 297 -2.06 -18.94 0.85
CA LYS A 297 -2.70 -18.97 2.17
C LYS A 297 -1.69 -19.71 3.03
N VAL A 298 -1.47 -19.35 4.27
CA VAL A 298 -0.52 -20.04 5.16
C VAL A 298 -1.44 -20.58 6.23
N ILE A 299 -1.54 -21.90 6.24
CA ILE A 299 -2.39 -22.56 7.21
C ILE A 299 -1.72 -22.31 8.55
N GLY A 300 -2.51 -21.73 9.44
CA GLY A 300 -1.99 -21.38 10.77
C GLY A 300 -1.23 -20.04 10.77
N GLY A 301 -0.92 -19.45 9.60
CA GLY A 301 -0.19 -18.21 9.45
C GLY A 301 -0.61 -17.03 10.30
N TRP A 302 -1.84 -16.99 10.78
CA TRP A 302 -2.26 -15.88 11.59
C TRP A 302 -2.05 -16.14 13.07
N SER A 303 -2.17 -17.39 13.48
CA SER A 303 -2.06 -17.76 14.87
C SER A 303 -0.95 -18.65 15.31
N THR A 304 -0.19 -19.38 14.53
CA THR A 304 0.77 -20.17 15.22
C THR A 304 2.12 -19.62 14.91
N PRO A 305 2.87 -19.22 15.96
CA PRO A 305 4.24 -18.79 15.83
C PRO A 305 4.92 -19.67 14.80
N ASN A 306 5.53 -19.08 13.80
CA ASN A 306 6.23 -19.81 12.77
C ASN A 306 5.53 -20.76 11.78
N SER A 307 4.19 -20.85 11.69
CA SER A 307 3.52 -21.73 10.73
C SER A 307 4.00 -21.50 9.34
N LYS A 308 4.39 -22.55 8.62
CA LYS A 308 4.88 -22.43 7.25
C LYS A 308 4.13 -23.37 6.31
N SER A 309 2.94 -23.86 6.63
CA SER A 309 2.27 -24.73 5.70
C SER A 309 1.53 -23.83 4.75
N GLN A 310 1.97 -23.83 3.50
CA GLN A 310 1.41 -23.04 2.42
C GLN A 310 0.43 -23.82 1.58
N ILE A 311 -0.56 -23.22 0.92
CA ILE A 311 -1.49 -23.91 0.03
C ILE A 311 -2.11 -22.81 -0.86
N ASN A 312 -2.76 -23.10 -2.02
CA ASN A 312 -3.39 -22.11 -2.87
C ASN A 312 -2.48 -21.05 -3.41
N ARG A 313 -1.22 -21.32 -3.70
CA ARG A 313 -0.38 -20.26 -4.21
C ARG A 313 -0.77 -19.89 -5.65
N GLN A 314 -0.54 -18.64 -6.10
CA GLN A 314 -0.85 -18.17 -7.44
C GLN A 314 0.28 -17.28 -7.88
N VAL A 315 0.86 -17.38 -9.07
CA VAL A 315 1.86 -16.42 -9.47
C VAL A 315 0.98 -15.26 -10.03
N ILE A 316 1.37 -14.00 -9.88
CA ILE A 316 0.64 -12.86 -10.38
C ILE A 316 1.67 -12.21 -11.34
N VAL A 317 2.96 -12.14 -11.05
CA VAL A 317 3.90 -11.56 -12.00
C VAL A 317 5.03 -12.57 -11.88
N ASP A 318 5.42 -13.20 -12.97
CA ASP A 318 6.50 -14.16 -12.88
C ASP A 318 7.79 -13.51 -12.40
N SER A 319 8.63 -14.36 -11.85
CA SER A 319 9.92 -14.02 -11.28
C SER A 319 10.94 -13.44 -12.22
N ASP A 320 10.62 -13.27 -13.47
CA ASP A 320 11.59 -12.67 -14.36
C ASP A 320 11.18 -11.25 -14.68
N ASN A 321 10.09 -10.76 -14.08
CA ASN A 321 9.61 -9.42 -14.32
C ASN A 321 9.59 -8.68 -13.02
N ARG A 322 9.56 -7.35 -13.13
CA ARG A 322 9.58 -6.47 -11.99
C ARG A 322 8.25 -6.25 -11.33
N SER A 323 8.24 -6.12 -10.00
CA SER A 323 7.02 -5.82 -9.27
C SER A 323 7.32 -4.54 -8.44
N GLY A 324 6.88 -4.38 -7.18
CA GLY A 324 7.14 -3.19 -6.38
C GLY A 324 6.26 -3.27 -5.15
N TYR A 325 5.65 -2.13 -4.82
CA TYR A 325 4.77 -1.97 -3.68
C TYR A 325 3.49 -2.75 -3.84
N SER A 326 2.67 -3.05 -2.82
CA SER A 326 1.42 -3.73 -3.05
C SER A 326 0.54 -3.34 -1.87
N GLY A 327 -0.76 -3.36 -1.97
CA GLY A 327 -1.52 -2.95 -0.81
C GLY A 327 -2.87 -3.57 -0.90
N ILE A 328 -3.71 -3.37 0.10
CA ILE A 328 -4.97 -4.00 0.09
C ILE A 328 -6.07 -2.98 -0.08
N PHE A 329 -7.28 -3.38 -0.49
CA PHE A 329 -8.36 -2.42 -0.58
C PHE A 329 -9.64 -3.27 -0.42
N SER A 330 -10.63 -2.77 0.28
CA SER A 330 -11.78 -3.59 0.49
C SER A 330 -12.96 -3.09 -0.31
N VAL A 331 -13.77 -3.95 -0.93
CA VAL A 331 -14.91 -3.43 -1.67
C VAL A 331 -16.14 -3.98 -0.94
N GLU A 332 -17.19 -3.25 -0.58
CA GLU A 332 -18.28 -3.90 0.13
C GLU A 332 -19.14 -4.67 -0.85
N GLY A 333 -19.34 -5.94 -0.58
CA GLY A 333 -20.14 -6.74 -1.47
C GLY A 333 -21.54 -6.75 -0.92
N LYS A 334 -22.37 -7.57 -1.57
CA LYS A 334 -23.76 -7.73 -1.21
C LYS A 334 -24.01 -8.38 0.12
N SER A 335 -23.21 -9.36 0.46
CA SER A 335 -23.43 -10.08 1.71
C SER A 335 -22.22 -10.12 2.64
N CYS A 336 -21.04 -9.93 2.06
CA CYS A 336 -19.80 -9.93 2.79
C CYS A 336 -18.87 -8.84 2.23
N ILE A 337 -17.73 -8.50 2.85
CA ILE A 337 -16.90 -7.47 2.26
C ILE A 337 -15.67 -8.25 1.77
N ASN A 338 -15.28 -7.92 0.56
CA ASN A 338 -14.19 -8.61 -0.07
C ASN A 338 -12.88 -7.89 0.02
N ARG A 339 -11.76 -8.57 -0.21
CA ARG A 339 -10.45 -7.99 -0.12
C ARG A 339 -9.81 -8.11 -1.47
N CYS A 340 -9.17 -7.05 -1.91
CA CYS A 340 -8.51 -7.03 -3.19
C CYS A 340 -7.11 -6.42 -2.99
N PHE A 341 -6.21 -6.43 -3.98
CA PHE A 341 -4.89 -5.87 -3.77
C PHE A 341 -4.36 -5.30 -5.07
N TYR A 342 -3.33 -4.46 -5.09
CA TYR A 342 -2.86 -3.95 -6.39
C TYR A 342 -1.40 -4.26 -6.36
N VAL A 343 -0.65 -4.39 -7.44
CA VAL A 343 0.79 -4.61 -7.27
C VAL A 343 1.31 -3.68 -8.34
N GLU A 344 2.18 -2.80 -7.87
CA GLU A 344 2.83 -1.75 -8.60
C GLU A 344 3.93 -2.38 -9.42
N LEU A 345 4.08 -2.19 -10.72
CA LEU A 345 5.18 -2.83 -11.43
C LEU A 345 6.14 -1.71 -11.70
N ILE A 346 7.29 -1.54 -11.06
CA ILE A 346 8.04 -0.36 -11.43
C ILE A 346 8.99 -0.66 -12.59
N ARG A 347 9.36 0.37 -13.36
CA ARG A 347 10.27 0.28 -14.49
C ARG A 347 11.16 1.47 -14.41
N GLY A 348 12.30 1.32 -15.06
CA GLY A 348 13.25 2.41 -15.11
C GLY A 348 14.42 2.26 -14.14
N ARG A 349 15.06 3.39 -13.90
CA ARG A 349 16.19 3.42 -13.02
C ARG A 349 15.77 3.14 -11.59
N LYS A 350 16.59 2.62 -10.69
CA LYS A 350 17.97 2.26 -10.95
C LYS A 350 18.23 0.93 -11.61
N GLN A 351 17.33 -0.05 -11.44
CA GLN A 351 17.53 -1.37 -12.01
C GLN A 351 17.70 -1.37 -13.53
N GLU A 352 16.93 -0.65 -14.33
CA GLU A 352 17.11 -0.67 -15.77
C GLU A 352 17.69 0.67 -16.14
N THR A 353 18.87 0.58 -16.67
CA THR A 353 19.74 1.66 -17.10
C THR A 353 19.58 2.25 -18.48
N ARG A 354 18.78 1.73 -19.39
CA ARG A 354 18.71 2.33 -20.72
C ARG A 354 18.04 3.71 -20.76
N VAL A 355 17.14 3.89 -19.80
CA VAL A 355 16.37 5.11 -19.72
C VAL A 355 16.76 5.87 -18.47
N TRP A 356 16.43 7.15 -18.35
CA TRP A 356 16.78 7.94 -17.19
C TRP A 356 15.63 8.19 -16.28
N TRP A 357 14.44 7.67 -16.56
CA TRP A 357 13.26 7.88 -15.72
C TRP A 357 12.96 6.67 -14.85
N THR A 358 11.99 6.80 -13.95
CA THR A 358 11.58 5.72 -13.10
C THR A 358 10.07 5.88 -13.10
N SER A 359 9.27 4.87 -13.37
CA SER A 359 7.81 5.00 -13.37
C SER A 359 7.26 3.62 -13.02
N ASN A 360 5.96 3.44 -12.89
CA ASN A 360 5.37 2.17 -12.59
C ASN A 360 4.12 2.04 -13.46
N SER A 361 3.47 0.88 -13.36
CA SER A 361 2.20 0.66 -14.03
C SER A 361 1.44 -0.22 -13.03
N ILE A 362 0.18 -0.61 -13.16
CA ILE A 362 -0.36 -1.43 -12.12
C ILE A 362 -1.13 -2.59 -12.75
N VAL A 363 -1.36 -3.61 -11.90
CA VAL A 363 -2.12 -4.78 -12.23
C VAL A 363 -2.87 -4.99 -10.88
N VAL A 364 -4.13 -5.34 -10.84
CA VAL A 364 -4.91 -5.53 -9.61
C VAL A 364 -5.85 -6.70 -9.77
N PHE A 365 -5.89 -7.49 -8.70
CA PHE A 365 -6.65 -8.72 -8.56
C PHE A 365 -7.62 -8.60 -7.39
N CYS A 366 -8.78 -9.28 -7.39
CA CYS A 366 -9.69 -9.22 -6.26
C CYS A 366 -9.97 -10.62 -5.74
N GLY A 367 -10.31 -10.81 -4.46
CA GLY A 367 -10.60 -12.13 -3.94
C GLY A 367 -11.78 -12.74 -4.69
N THR A 368 -11.90 -14.06 -4.68
CA THR A 368 -12.99 -14.72 -5.36
C THR A 368 -13.27 -16.02 -4.61
N SER A 369 -14.51 -16.46 -4.56
CA SER A 369 -14.86 -17.70 -3.92
C SER A 369 -15.13 -18.75 -5.00
N GLY A 370 -14.94 -18.37 -6.27
CA GLY A 370 -15.12 -19.26 -7.38
C GLY A 370 -13.83 -19.96 -7.68
N THR A 371 -13.61 -20.21 -8.96
CA THR A 371 -12.47 -20.95 -9.45
C THR A 371 -11.56 -20.12 -10.33
N TYR A 372 -10.36 -20.54 -10.68
CA TYR A 372 -9.52 -19.70 -11.48
C TYR A 372 -8.41 -20.57 -12.05
N GLY A 373 -7.55 -20.04 -12.89
CA GLY A 373 -6.54 -20.84 -13.50
C GLY A 373 -5.21 -20.22 -13.20
N THR A 374 -4.33 -20.14 -14.17
CA THR A 374 -3.01 -19.60 -13.94
C THR A 374 -2.65 -18.53 -14.97
N GLY A 375 -1.62 -17.73 -14.74
CA GLY A 375 -1.17 -16.73 -15.67
C GLY A 375 -0.04 -15.96 -15.02
N SER A 376 0.45 -14.91 -15.67
CA SER A 376 1.49 -14.03 -15.19
C SER A 376 1.10 -12.78 -15.92
N TRP A 377 0.92 -11.67 -15.23
CA TRP A 377 0.52 -10.43 -15.89
C TRP A 377 1.47 -9.31 -15.51
N PRO A 378 2.61 -9.23 -16.15
CA PRO A 378 3.62 -8.21 -15.92
C PRO A 378 3.39 -6.85 -16.57
N ASP A 379 4.29 -5.91 -16.36
CA ASP A 379 4.19 -4.59 -16.97
C ASP A 379 4.04 -4.72 -18.48
N GLY A 380 5.01 -5.30 -19.19
CA GLY A 380 4.87 -5.46 -20.62
C GLY A 380 5.71 -4.55 -21.50
N ALA A 381 6.16 -3.41 -21.03
CA ALA A 381 6.94 -2.54 -21.89
C ALA A 381 8.24 -3.10 -22.35
N ASN A 382 8.69 -2.94 -23.57
CA ASN A 382 9.99 -3.47 -23.97
C ASN A 382 10.84 -2.25 -23.78
N ILE A 383 11.74 -2.30 -22.81
CA ILE A 383 12.62 -1.20 -22.48
C ILE A 383 13.37 -0.62 -23.68
N ASN A 384 13.60 -1.40 -24.72
CA ASN A 384 14.32 -0.91 -25.89
C ASN A 384 13.49 -0.04 -26.82
N PHE A 385 12.19 0.04 -26.57
CA PHE A 385 11.31 0.84 -27.39
C PHE A 385 10.98 2.16 -26.74
N MET A 386 11.25 2.27 -25.44
CA MET A 386 10.94 3.44 -24.65
C MET A 386 11.70 4.66 -25.04
N PRO A 387 11.13 5.85 -25.03
CA PRO A 387 11.88 7.07 -24.93
C PRO A 387 12.80 6.97 -23.69
N ILE A 388 14.02 7.49 -23.79
CA ILE A 388 14.94 7.42 -22.67
C ILE A 388 14.84 8.61 -21.74
#